data_2F6R
#
_entry.id   2F6R
#
_cell.length_a   101.040
_cell.length_b   32.370
_cell.length_c   95.200
_cell.angle_alpha   90.000
_cell.angle_beta   110.240
_cell.angle_gamma   90.000
#
_symmetry.space_group_name_H-M   'C 1 2 1'
#
loop_
_entity.id
_entity.type
_entity.pdbx_description
1 polymer 'Bifunctional coenzyme A synthase'
2 non-polymer 'ACETYL COENZYME *A'
3 non-polymer 'UNKNOWN LIGAND'
4 water water
#
_entity_poly.entity_id   1
_entity_poly.type   'polypeptide(L)'
_entity_poly.pdbx_seq_one_letter_code
;MGSDKIHHHHHHMAVNRFRLENGKEELALYQIQLLKDQSHNENEEDKVSSSSFRQRILGNLLQPPNERPELPSGLYVLGL
TGISGSGKSSVAQRLKNLGAYIIDSDHLGHRAYAPGGPAYQPVVEAFGTDILHKDGTINRKVLGSRVFGNKKQMKILTDI
VWPVIAKLAREEMDVAVAKGKTLCVIDAAMLLEAGWQSMVHEVWTVVIPETEAVRRIVERDGLSEAAAQSRLQSQMSGQQ
LVEQSNVVLSTLWESHVTQSQVEKAWNLLQKRLPKAYQTRN
;
_entity_poly.pdbx_strand_id   A
#
loop_
_chem_comp.id
_chem_comp.type
_chem_comp.name
_chem_comp.formula
ACO non-polymer 'ACETYL COENZYME *A' 'C23 H38 N7 O17 P3 S'
UNL non-polymer 'UNKNOWN LIGAND' ?
#
# COMPACT_ATOMS: atom_id res chain seq x y z
N ALA A 28 5.97 -7.81 35.19
CA ALA A 28 4.99 -7.77 34.07
C ALA A 28 5.39 -8.74 32.96
N LEU A 29 4.45 -9.60 32.56
CA LEU A 29 4.74 -10.60 31.55
C LEU A 29 4.08 -10.27 30.23
N TYR A 30 4.81 -10.35 29.14
CA TYR A 30 4.24 -10.05 27.85
C TYR A 30 5.00 -10.74 26.74
N GLN A 31 4.50 -10.61 25.52
CA GLN A 31 5.12 -11.19 24.35
C GLN A 31 5.42 -10.12 23.32
N ILE A 32 6.51 -10.35 22.59
CA ILE A 32 6.87 -9.54 21.45
C ILE A 32 6.98 -10.46 20.23
N GLN A 33 6.89 -9.83 19.06
CA GLN A 33 6.82 -10.53 17.78
C GLN A 33 8.10 -10.23 17.01
N LEU A 34 8.65 -11.25 16.39
CA LEU A 34 9.93 -11.16 15.70
C LEU A 34 9.89 -11.85 14.35
N LEU A 35 10.80 -11.41 13.48
CA LEU A 35 11.01 -12.02 12.21
C LEU A 35 12.47 -12.49 12.21
N LYS A 36 12.71 -13.71 11.77
CA LYS A 36 14.10 -14.20 11.61
C LYS A 36 14.38 -14.70 10.17
N ASP A 37 15.57 -15.28 9.95
CA ASP A 37 15.98 -15.88 8.65
C ASP A 37 16.17 -17.39 8.79
N GLN A 55 17.76 -10.84 13.98
CA GLN A 55 16.38 -10.75 14.45
C GLN A 55 15.86 -9.34 14.25
N ARG A 56 14.59 -9.25 13.87
CA ARG A 56 13.91 -7.98 13.72
C ARG A 56 12.67 -7.98 14.60
N ILE A 57 12.57 -7.01 15.50
CA ILE A 57 11.40 -6.86 16.33
C ILE A 57 10.32 -6.10 15.55
N LEU A 58 9.12 -6.66 15.47
CA LEU A 58 7.98 -6.05 14.75
C LEU A 58 7.48 -4.84 15.51
N GLY A 59 7.39 -3.71 14.83
CA GLY A 59 6.99 -2.47 15.45
C GLY A 59 8.16 -1.52 15.68
N ASN A 60 9.36 -2.06 15.84
CA ASN A 60 10.54 -1.24 16.07
C ASN A 60 11.05 -0.59 14.77
N LEU A 61 11.76 0.53 14.90
CA LEU A 61 12.53 1.15 13.80
C LEU A 61 13.78 0.31 13.46
N LEU A 62 13.86 -0.16 12.21
CA LEU A 62 14.84 -1.13 11.75
C LEU A 62 15.98 -0.44 11.02
N GLN A 63 15.71 0.71 10.43
CA GLN A 63 16.74 1.48 9.81
C GLN A 63 16.31 2.95 9.76
N PRO A 64 17.28 3.86 9.58
CA PRO A 64 16.89 5.27 9.71
C PRO A 64 15.87 5.77 8.66
N PRO A 65 15.00 6.68 9.09
CA PRO A 65 14.07 7.30 8.16
C PRO A 65 14.77 8.09 7.06
N ASN A 66 13.99 8.38 6.01
CA ASN A 66 14.48 9.19 4.85
C ASN A 66 14.36 10.69 5.09
N GLU A 67 15.34 11.50 4.63
CA GLU A 67 15.18 12.97 4.62
C GLU A 67 14.41 13.36 3.36
N ARG A 68 13.38 14.19 3.53
CA ARG A 68 12.45 14.49 2.43
C ARG A 68 12.21 15.99 2.33
N PRO A 69 13.20 16.72 1.75
CA PRO A 69 13.11 18.17 1.62
C PRO A 69 11.91 18.68 0.88
N GLU A 70 11.47 17.92 -0.11
CA GLU A 70 10.40 18.37 -1.00
C GLU A 70 8.99 18.22 -0.42
N LEU A 71 8.83 17.43 0.65
CA LEU A 71 7.53 17.31 1.29
C LEU A 71 7.23 18.57 2.13
N PRO A 72 5.92 18.86 2.37
CA PRO A 72 5.54 20.06 3.13
C PRO A 72 6.15 20.02 4.53
N SER A 73 6.52 21.16 5.09
CA SER A 73 7.34 21.13 6.32
C SER A 73 6.64 20.55 7.56
N GLY A 74 5.31 20.71 7.69
CA GLY A 74 4.60 20.19 8.88
C GLY A 74 4.35 18.68 8.93
N LEU A 75 4.68 17.99 7.85
CA LEU A 75 4.13 16.66 7.56
C LEU A 75 5.13 15.50 7.66
N TYR A 76 4.74 14.42 8.32
CA TYR A 76 5.51 13.20 8.28
C TYR A 76 4.71 12.19 7.49
N VAL A 77 5.38 11.42 6.65
CA VAL A 77 4.69 10.54 5.75
C VAL A 77 5.22 9.12 5.92
N LEU A 78 4.29 8.17 6.10
CA LEU A 78 4.56 6.73 6.04
C LEU A 78 4.06 6.14 4.76
N GLY A 79 4.83 5.22 4.22
CA GLY A 79 4.39 4.43 3.14
C GLY A 79 4.04 3.07 3.66
N LEU A 80 2.79 2.65 3.48
CA LEU A 80 2.34 1.36 3.99
C LEU A 80 2.08 0.37 2.87
N THR A 81 2.78 -0.76 2.94
CA THR A 81 2.75 -1.73 1.85
C THR A 81 2.75 -3.15 2.45
N GLY A 82 2.65 -4.13 1.58
CA GLY A 82 2.69 -5.52 2.03
C GLY A 82 2.30 -6.42 0.93
N ILE A 83 2.44 -7.73 1.15
CA ILE A 83 2.18 -8.65 0.06
C ILE A 83 0.68 -8.85 0.05
N SER A 84 0.17 -9.26 -1.09
CA SER A 84 -1.26 -9.52 -1.15
C SER A 84 -1.61 -10.62 -0.14
N GLY A 85 -2.77 -10.48 0.51
CA GLY A 85 -3.12 -11.35 1.62
C GLY A 85 -2.52 -10.94 2.97
N SER A 86 -1.72 -9.88 3.01
CA SER A 86 -1.07 -9.41 4.23
C SER A 86 -1.97 -8.83 5.28
N GLY A 87 -3.19 -8.46 4.89
CA GLY A 87 -4.12 -7.78 5.77
C GLY A 87 -3.76 -6.32 6.06
N LYS A 88 -3.01 -5.69 5.13
CA LYS A 88 -2.55 -4.33 5.42
C LYS A 88 -3.70 -3.29 5.55
N SER A 89 -4.84 -3.56 4.94
CA SER A 89 -5.99 -2.66 5.11
C SER A 89 -6.52 -2.65 6.54
N SER A 90 -6.45 -3.80 7.23
CA SER A 90 -6.67 -3.85 8.68
C SER A 90 -5.70 -2.94 9.43
N VAL A 91 -4.43 -2.93 9.05
CA VAL A 91 -3.46 -2.08 9.73
C VAL A 91 -3.70 -0.62 9.41
N ALA A 92 -4.04 -0.33 8.16
CA ALA A 92 -4.33 1.05 7.78
C ALA A 92 -5.49 1.61 8.63
N GLN A 93 -6.55 0.81 8.82
CA GLN A 93 -7.71 1.20 9.63
C GLN A 93 -7.36 1.44 11.10
N ARG A 94 -6.47 0.61 11.63
CA ARG A 94 -5.96 0.82 12.99
C ARG A 94 -5.14 2.11 13.11
N LEU A 95 -4.35 2.43 12.10
CA LEU A 95 -3.64 3.70 12.13
C LEU A 95 -4.61 4.86 11.96
N LYS A 96 -5.60 4.69 11.10
CA LYS A 96 -6.66 5.71 10.97
C LYS A 96 -7.34 5.98 12.32
N ASN A 97 -7.67 4.92 13.06
CA ASN A 97 -8.27 5.07 14.40
C ASN A 97 -7.39 5.80 15.39
N LEU A 98 -6.06 5.74 15.22
CA LEU A 98 -5.12 6.42 16.10
C LEU A 98 -4.87 7.85 15.70
N GLY A 99 -5.37 8.22 14.52
CA GLY A 99 -5.35 9.61 14.06
C GLY A 99 -4.61 9.90 12.77
N ALA A 100 -4.08 8.87 12.09
CA ALA A 100 -3.36 9.07 10.84
C ALA A 100 -4.34 9.41 9.73
N TYR A 101 -3.94 10.30 8.84
CA TYR A 101 -4.65 10.53 7.61
C TYR A 101 -4.19 9.51 6.56
N ILE A 102 -5.10 8.67 6.07
CA ILE A 102 -4.78 7.63 5.12
C ILE A 102 -5.11 8.02 3.68
N ILE A 103 -4.17 7.79 2.79
CA ILE A 103 -4.39 7.95 1.35
C ILE A 103 -4.40 6.55 0.74
N ASP A 104 -5.56 6.11 0.30
CA ASP A 104 -5.67 4.77 -0.24
C ASP A 104 -5.40 4.86 -1.75
N SER A 105 -4.27 4.31 -2.17
CA SER A 105 -3.84 4.36 -3.56
C SER A 105 -4.73 3.59 -4.49
N ASP A 106 -5.37 2.51 -4.02
CA ASP A 106 -6.25 1.71 -4.89
C ASP A 106 -7.42 2.59 -5.30
N HIS A 107 -8.02 3.25 -4.30
CA HIS A 107 -9.13 4.16 -4.56
CA HIS A 107 -9.13 4.17 -4.54
C HIS A 107 -8.72 5.32 -5.47
N LEU A 108 -7.59 5.95 -5.18
CA LEU A 108 -7.10 7.05 -6.02
C LEU A 108 -6.95 6.60 -7.45
N GLY A 109 -6.48 5.37 -7.64
CA GLY A 109 -6.37 4.76 -8.99
C GLY A 109 -7.69 4.68 -9.72
N HIS A 110 -8.73 4.25 -9.01
CA HIS A 110 -10.05 4.11 -9.61
C HIS A 110 -10.60 5.48 -10.02
N ARG A 111 -10.37 6.49 -9.17
CA ARG A 111 -10.71 7.86 -9.51
C ARG A 111 -9.82 8.50 -10.59
N ALA A 112 -8.55 8.12 -10.67
CA ALA A 112 -7.66 8.65 -11.66
C ALA A 112 -8.16 8.36 -13.07
N TYR A 113 -8.78 7.19 -13.27
CA TYR A 113 -9.26 6.86 -14.59
C TYR A 113 -10.78 6.82 -14.67
N ALA A 114 -11.45 7.46 -13.72
CA ALA A 114 -12.87 7.81 -13.82
C ALA A 114 -13.00 8.87 -14.93
N PRO A 115 -14.13 8.88 -15.67
CA PRO A 115 -14.34 9.96 -16.61
C PRO A 115 -14.15 11.28 -15.88
N GLY A 116 -13.42 12.20 -16.48
CA GLY A 116 -13.05 13.45 -15.80
C GLY A 116 -11.71 13.40 -15.10
N GLY A 117 -11.15 12.19 -14.86
CA GLY A 117 -9.90 12.04 -14.15
C GLY A 117 -8.73 12.02 -15.12
N PRO A 118 -7.52 12.34 -14.63
CA PRO A 118 -6.40 12.58 -15.54
C PRO A 118 -5.97 11.38 -16.40
N ALA A 119 -6.19 10.19 -15.87
CA ALA A 119 -5.81 8.94 -16.59
C ALA A 119 -6.90 8.35 -17.46
N TYR A 120 -8.12 8.88 -17.46
CA TYR A 120 -9.18 8.30 -18.32
C TYR A 120 -8.87 8.21 -19.81
N GLN A 121 -8.53 9.34 -20.45
CA GLN A 121 -8.31 9.33 -21.84
C GLN A 121 -7.12 8.40 -22.21
N PRO A 122 -5.96 8.55 -21.53
CA PRO A 122 -4.84 7.64 -21.86
C PRO A 122 -5.09 6.15 -21.69
N VAL A 123 -5.86 5.76 -20.67
CA VAL A 123 -6.14 4.35 -20.41
C VAL A 123 -7.08 3.82 -21.50
N VAL A 124 -8.13 4.60 -21.83
CA VAL A 124 -9.02 4.19 -22.90
C VAL A 124 -8.31 4.13 -24.29
N GLU A 125 -7.37 5.05 -24.54
CA GLU A 125 -6.57 5.05 -25.75
C GLU A 125 -5.71 3.81 -25.78
N ALA A 126 -5.14 3.46 -24.64
CA ALA A 126 -4.15 2.38 -24.57
C ALA A 126 -4.80 1.03 -24.62
N PHE A 127 -6.05 0.91 -24.14
CA PHE A 127 -6.74 -0.39 -24.08
C PHE A 127 -7.95 -0.49 -24.96
N GLY A 128 -8.48 0.62 -25.45
CA GLY A 128 -9.65 0.56 -26.33
C GLY A 128 -10.96 0.77 -25.59
N THR A 129 -12.01 1.15 -26.33
CA THR A 129 -13.31 1.41 -25.74
C THR A 129 -14.03 0.13 -25.31
N ASP A 130 -13.58 -1.06 -25.72
CA ASP A 130 -14.13 -2.32 -25.19
C ASP A 130 -13.99 -2.50 -23.68
N ILE A 131 -13.13 -1.72 -23.04
CA ILE A 131 -13.03 -1.75 -21.59
C ILE A 131 -14.10 -0.93 -20.90
N LEU A 132 -14.98 -0.26 -21.65
CA LEU A 132 -15.92 0.67 -21.05
C LEU A 132 -17.25 -0.03 -20.83
N HIS A 133 -17.87 0.27 -19.69
CA HIS A 133 -19.27 0.00 -19.42
C HIS A 133 -20.11 0.86 -20.36
N LYS A 134 -21.40 0.52 -20.48
CA LYS A 134 -22.37 1.35 -21.22
C LYS A 134 -22.36 2.82 -20.80
N ASP A 135 -22.22 3.11 -19.52
CA ASP A 135 -22.24 4.52 -19.09
C ASP A 135 -20.91 5.25 -19.32
N GLY A 136 -19.92 4.56 -19.91
CA GLY A 136 -18.64 5.19 -20.22
C GLY A 136 -17.57 5.10 -19.12
N THR A 137 -17.92 4.53 -17.97
CA THR A 137 -16.95 4.26 -16.93
C THR A 137 -16.17 3.02 -17.34
N ILE A 138 -14.97 2.92 -16.82
CA ILE A 138 -14.15 1.76 -17.07
C ILE A 138 -14.73 0.54 -16.32
N ASN A 139 -14.89 -0.55 -17.07
CA ASN A 139 -15.22 -1.82 -16.48
C ASN A 139 -13.97 -2.50 -15.95
N ARG A 140 -13.78 -2.46 -14.63
CA ARG A 140 -12.50 -2.92 -14.06
C ARG A 140 -12.30 -4.44 -14.14
N LYS A 141 -13.40 -5.18 -14.24
CA LYS A 141 -13.39 -6.62 -14.47
C LYS A 141 -12.78 -6.91 -15.85
N VAL A 142 -13.21 -6.17 -16.87
CA VAL A 142 -12.63 -6.31 -18.21
C VAL A 142 -11.16 -5.84 -18.29
N LEU A 143 -10.89 -4.66 -17.75
CA LEU A 143 -9.50 -4.21 -17.64
C LEU A 143 -8.58 -5.18 -16.89
N GLY A 144 -9.04 -5.66 -15.74
CA GLY A 144 -8.31 -6.65 -14.99
C GLY A 144 -8.00 -7.90 -15.78
N SER A 145 -8.98 -8.35 -16.54
CA SER A 145 -8.79 -9.52 -17.46
C SER A 145 -7.68 -9.28 -18.49
N ARG A 146 -7.49 -8.02 -18.91
CA ARG A 146 -6.41 -7.66 -19.82
C ARG A 146 -5.08 -7.66 -19.18
N VAL A 147 -4.99 -7.28 -17.89
CA VAL A 147 -3.71 -7.00 -17.34
C VAL A 147 -3.30 -8.01 -16.25
N PHE A 148 -4.22 -8.67 -15.57
CA PHE A 148 -3.79 -9.52 -14.42
C PHE A 148 -3.13 -10.76 -14.99
N GLY A 149 -1.96 -11.09 -14.47
CA GLY A 149 -1.19 -12.21 -14.97
C GLY A 149 -0.45 -11.88 -16.24
N ASN A 150 -0.49 -10.62 -16.68
CA ASN A 150 0.08 -10.24 -17.97
C ASN A 150 1.06 -9.10 -17.78
N LYS A 151 2.34 -9.43 -17.73
CA LYS A 151 3.38 -8.47 -17.42
C LYS A 151 3.42 -7.24 -18.39
N LYS A 152 3.36 -7.49 -19.69
CA LYS A 152 3.40 -6.39 -20.67
C LYS A 152 2.19 -5.45 -20.63
N GLN A 153 0.99 -6.02 -20.51
CA GLN A 153 -0.21 -5.24 -20.47
C GLN A 153 -0.30 -4.49 -19.15
N MET A 154 0.10 -5.13 -18.06
CA MET A 154 0.01 -4.42 -16.78
C MET A 154 0.96 -3.25 -16.78
N LYS A 155 2.12 -3.40 -17.41
CA LYS A 155 3.02 -2.27 -17.54
C LYS A 155 2.53 -1.11 -18.39
N ILE A 156 1.78 -1.38 -19.46
CA ILE A 156 1.14 -0.32 -20.21
CA ILE A 156 1.14 -0.32 -20.21
C ILE A 156 0.22 0.50 -19.26
N LEU A 157 -0.52 -0.22 -18.43
CA LEU A 157 -1.43 0.41 -17.48
C LEU A 157 -0.69 1.17 -16.41
N THR A 158 0.30 0.58 -15.75
CA THR A 158 0.91 1.26 -14.63
C THR A 158 1.84 2.39 -15.07
N ASP A 159 2.41 2.28 -16.27
CA ASP A 159 3.18 3.38 -16.85
C ASP A 159 2.32 4.67 -16.96
N ILE A 160 1.02 4.51 -17.26
CA ILE A 160 0.08 5.60 -17.27
C ILE A 160 -0.39 6.02 -15.88
N VAL A 161 -0.85 5.04 -15.10
CA VAL A 161 -1.57 5.29 -13.89
C VAL A 161 -0.67 5.65 -12.70
N TRP A 162 0.47 5.01 -12.53
CA TRP A 162 1.23 5.26 -11.31
C TRP A 162 1.65 6.72 -11.19
N PRO A 163 2.15 7.31 -12.25
CA PRO A 163 2.48 8.76 -12.11
C PRO A 163 1.30 9.66 -11.81
N VAL A 164 0.12 9.34 -12.34
CA VAL A 164 -1.08 10.05 -12.05
C VAL A 164 -1.49 9.91 -10.59
N ILE A 165 -1.44 8.69 -10.06
CA ILE A 165 -1.74 8.50 -8.66
C ILE A 165 -0.74 9.18 -7.75
N ALA A 166 0.54 9.17 -8.12
CA ALA A 166 1.57 9.77 -7.25
C ALA A 166 1.30 11.28 -7.16
N LYS A 167 0.92 11.89 -8.28
CA LYS A 167 0.56 13.32 -8.32
C LYS A 167 -0.66 13.60 -7.49
N LEU A 168 -1.68 12.76 -7.59
CA LEU A 168 -2.89 12.94 -6.82
C LEU A 168 -2.64 12.75 -5.32
N ALA A 169 -1.73 11.84 -4.98
CA ALA A 169 -1.32 11.62 -3.58
C ALA A 169 -0.60 12.88 -3.00
N ARG A 170 0.35 13.42 -3.78
CA ARG A 170 1.00 14.67 -3.40
C ARG A 170 0.07 15.84 -3.19
N GLU A 171 -0.93 15.96 -4.07
CA GLU A 171 -1.97 16.98 -3.92
C GLU A 171 -2.77 16.78 -2.63
N GLU A 172 -3.19 15.55 -2.35
CA GLU A 172 -4.00 15.24 -1.16
C GLU A 172 -3.26 15.54 0.14
N MET A 173 -1.95 15.32 0.16
CA MET A 173 -1.14 15.60 1.29
C MET A 173 -1.05 17.08 1.56
N ASP A 174 -0.93 17.84 0.49
CA ASP A 174 -0.92 19.28 0.56
C ASP A 174 -2.22 19.75 1.21
N VAL A 175 -3.36 19.21 0.76
CA VAL A 175 -4.67 19.65 1.27
C VAL A 175 -4.78 19.30 2.74
N ALA A 176 -4.37 18.08 3.07
CA ALA A 176 -4.37 17.62 4.47
C ALA A 176 -3.55 18.53 5.40
N VAL A 177 -2.36 18.90 4.97
CA VAL A 177 -1.50 19.80 5.73
C VAL A 177 -2.13 21.17 5.90
N ALA A 178 -2.79 21.66 4.87
CA ALA A 178 -3.46 22.97 4.94
C ALA A 178 -4.58 22.92 6.00
N LYS A 179 -5.18 21.72 6.15
CA LYS A 179 -6.27 21.48 7.11
C LYS A 179 -5.77 20.92 8.42
N GLY A 180 -4.46 21.07 8.65
CA GLY A 180 -3.91 20.83 9.96
C GLY A 180 -3.46 19.43 10.30
N LYS A 181 -3.40 18.53 9.31
CA LYS A 181 -2.90 17.18 9.55
C LYS A 181 -1.36 17.18 9.51
N THR A 182 -0.77 16.31 10.32
CA THR A 182 0.68 16.29 10.49
C THR A 182 1.32 14.89 10.20
N LEU A 183 0.48 13.87 10.01
CA LEU A 183 0.92 12.52 9.75
CA LEU A 183 0.93 12.51 9.75
C LEU A 183 0.04 11.89 8.70
N CYS A 184 0.65 11.52 7.57
CA CYS A 184 -0.05 10.93 6.40
C CYS A 184 0.51 9.55 6.15
N VAL A 185 -0.35 8.63 5.71
CA VAL A 185 0.02 7.29 5.34
C VAL A 185 -0.45 7.07 3.91
N ILE A 186 0.50 6.79 3.03
CA ILE A 186 0.17 6.35 1.67
C ILE A 186 0.17 4.85 1.65
N ASP A 187 -1.04 4.30 1.58
CA ASP A 187 -1.30 2.86 1.51
C ASP A 187 -1.29 2.39 0.07
N ALA A 188 -0.27 1.61 -0.31
CA ALA A 188 -0.01 1.23 -1.71
C ALA A 188 0.58 -0.17 -1.81
N ALA A 189 -0.08 -1.03 -2.56
CA ALA A 189 0.36 -2.43 -2.74
C ALA A 189 1.67 -2.52 -3.42
N MET A 190 1.96 -1.57 -4.30
CA MET A 190 3.10 -1.65 -5.19
C MET A 190 4.01 -0.44 -4.92
N LEU A 191 3.99 0.02 -3.66
CA LEU A 191 4.81 1.16 -3.26
C LEU A 191 6.25 1.14 -3.73
N LEU A 192 6.96 0.06 -3.41
CA LEU A 192 8.38 -0.01 -3.73
C LEU A 192 8.61 -0.23 -5.23
N GLU A 193 7.77 -1.03 -5.87
CA GLU A 193 7.87 -1.25 -7.31
C GLU A 193 7.66 0.01 -8.10
N ALA A 194 6.85 0.92 -7.57
CA ALA A 194 6.58 2.23 -8.21
C ALA A 194 7.62 3.28 -7.91
N GLY A 195 8.50 3.00 -6.94
CA GLY A 195 9.54 3.92 -6.54
C GLY A 195 9.02 4.97 -5.55
N TRP A 196 7.89 4.71 -4.93
CA TRP A 196 7.23 5.75 -4.11
C TRP A 196 7.83 5.91 -2.72
N GLN A 197 8.83 5.12 -2.40
CA GLN A 197 9.62 5.41 -1.21
C GLN A 197 10.25 6.81 -1.28
N SER A 198 10.49 7.34 -2.50
CA SER A 198 10.96 8.74 -2.71
C SER A 198 10.02 9.81 -2.08
N MET A 199 8.76 9.45 -1.82
CA MET A 199 7.72 10.37 -1.29
C MET A 199 7.45 10.21 0.21
N VAL A 200 8.20 9.35 0.89
CA VAL A 200 7.84 9.00 2.31
C VAL A 200 9.08 9.07 3.16
N HIS A 201 8.85 9.33 4.44
CA HIS A 201 9.93 9.27 5.42
C HIS A 201 10.25 7.86 5.83
N GLU A 202 9.21 7.01 5.92
CA GLU A 202 9.36 5.64 6.42
C GLU A 202 8.46 4.73 5.62
N VAL A 203 9.00 3.55 5.29
CA VAL A 203 8.28 2.44 4.69
C VAL A 203 7.93 1.46 5.79
N TRP A 204 6.64 1.16 5.92
CA TRP A 204 6.12 0.22 6.89
C TRP A 204 5.56 -0.91 6.08
N THR A 205 5.99 -2.14 6.34
CA THR A 205 5.51 -3.28 5.59
C THR A 205 4.74 -4.22 6.50
N VAL A 206 3.65 -4.78 5.99
CA VAL A 206 2.85 -5.78 6.70
C VAL A 206 3.13 -7.12 6.02
N VAL A 207 3.59 -8.11 6.80
CA VAL A 207 4.10 -9.37 6.24
C VAL A 207 3.35 -10.54 6.90
N ILE A 208 3.28 -11.64 6.17
CA ILE A 208 2.73 -12.93 6.67
C ILE A 208 3.41 -14.02 5.86
N PRO A 209 3.43 -15.24 6.38
CA PRO A 209 4.07 -16.32 5.61
C PRO A 209 3.36 -16.56 4.30
N GLU A 210 4.07 -16.95 3.24
CA GLU A 210 3.44 -17.02 1.91
C GLU A 210 2.30 -18.05 1.88
N THR A 211 2.39 -19.09 2.69
CA THR A 211 1.34 -20.13 2.69
C THR A 211 0.01 -19.54 3.18
N GLU A 212 0.07 -18.74 4.22
CA GLU A 212 -1.13 -18.04 4.71
C GLU A 212 -1.62 -16.99 3.72
N ALA A 213 -0.71 -16.25 3.07
CA ALA A 213 -1.10 -15.31 2.03
C ALA A 213 -1.87 -15.98 0.92
N VAL A 214 -1.37 -17.10 0.42
CA VAL A 214 -2.00 -17.79 -0.70
C VAL A 214 -3.40 -18.25 -0.24
N ARG A 215 -3.47 -18.80 0.96
CA ARG A 215 -4.76 -19.25 1.53
C ARG A 215 -5.77 -18.11 1.62
N ARG A 216 -5.35 -16.94 2.09
CA ARG A 216 -6.27 -15.81 2.20
C ARG A 216 -6.80 -15.37 0.81
N ILE A 217 -5.89 -15.32 -0.18
CA ILE A 217 -6.23 -14.92 -1.57
C ILE A 217 -7.21 -15.91 -2.26
N VAL A 218 -6.88 -17.18 -2.18
CA VAL A 218 -7.69 -18.25 -2.76
C VAL A 218 -9.07 -18.24 -2.15
N GLU A 219 -9.10 -18.18 -0.82
CA GLU A 219 -10.37 -18.17 -0.11
C GLU A 219 -11.14 -16.87 -0.32
N ARG A 220 -10.54 -15.76 0.08
CA ARG A 220 -11.31 -14.52 0.17
C ARG A 220 -11.62 -13.91 -1.17
N ASP A 221 -10.77 -14.12 -2.17
CA ASP A 221 -11.02 -13.57 -3.52
C ASP A 221 -11.53 -14.57 -4.53
N GLY A 222 -11.63 -15.83 -4.13
CA GLY A 222 -12.17 -16.87 -5.03
C GLY A 222 -11.24 -17.07 -6.20
N LEU A 223 -9.94 -17.05 -5.92
CA LEU A 223 -8.92 -17.27 -6.90
C LEU A 223 -8.51 -18.72 -6.85
N SER A 224 -8.13 -19.25 -8.02
CA SER A 224 -7.44 -20.53 -8.08
C SER A 224 -6.09 -20.34 -7.40
N GLU A 225 -5.54 -21.43 -6.91
CA GLU A 225 -4.26 -21.38 -6.23
C GLU A 225 -3.13 -20.92 -7.16
N ALA A 226 -3.28 -21.20 -8.46
CA ALA A 226 -2.35 -20.72 -9.47
C ALA A 226 -2.52 -19.24 -9.72
N ALA A 227 -3.76 -18.76 -9.68
CA ALA A 227 -4.03 -17.33 -9.86
C ALA A 227 -3.43 -16.56 -8.69
N ALA A 228 -3.52 -17.16 -7.50
CA ALA A 228 -2.98 -16.59 -6.27
C ALA A 228 -1.46 -16.53 -6.30
N GLN A 229 -0.81 -17.63 -6.67
CA GLN A 229 0.65 -17.59 -6.76
C GLN A 229 1.13 -16.69 -7.91
N SER A 230 0.35 -16.64 -8.99
CA SER A 230 0.60 -15.68 -10.05
C SER A 230 0.60 -14.24 -9.52
N ARG A 231 -0.37 -13.92 -8.66
CA ARG A 231 -0.47 -12.59 -8.04
C ARG A 231 0.78 -12.30 -7.22
N LEU A 232 1.16 -13.26 -6.40
CA LEU A 232 2.29 -13.12 -5.51
C LEU A 232 3.64 -13.01 -6.24
N GLN A 233 3.79 -13.78 -7.32
CA GLN A 233 5.00 -13.73 -8.14
C GLN A 233 5.12 -12.40 -8.87
N SER A 234 3.98 -11.74 -9.12
CA SER A 234 3.98 -10.48 -9.84
C SER A 234 4.30 -9.26 -8.94
N GLN A 235 4.77 -9.53 -7.73
CA GLN A 235 5.11 -8.47 -6.79
C GLN A 235 6.33 -8.92 -5.99
N MET A 236 6.94 -7.98 -5.29
CA MET A 236 8.07 -8.29 -4.43
C MET A 236 7.73 -9.30 -3.34
N SER A 237 8.74 -10.09 -2.97
CA SER A 237 8.60 -11.04 -1.87
C SER A 237 8.54 -10.34 -0.51
N GLY A 238 8.03 -11.04 0.50
CA GLY A 238 8.00 -10.50 1.85
C GLY A 238 9.40 -10.09 2.30
N GLN A 239 10.38 -10.93 2.01
CA GLN A 239 11.78 -10.66 2.38
C GLN A 239 12.34 -9.39 1.70
N GLN A 240 12.06 -9.22 0.42
CA GLN A 240 12.40 -8.00 -0.31
C GLN A 240 11.75 -6.79 0.32
N LEU A 241 10.49 -6.91 0.71
CA LEU A 241 9.78 -5.80 1.31
C LEU A 241 10.44 -5.51 2.65
N VAL A 242 10.72 -6.55 3.42
CA VAL A 242 11.29 -6.37 4.76
C VAL A 242 12.61 -5.68 4.69
N GLU A 243 13.44 -6.14 3.77
CA GLU A 243 14.78 -5.54 3.65
C GLU A 243 14.75 -4.02 3.40
N GLN A 244 13.74 -3.54 2.71
CA GLN A 244 13.67 -2.11 2.40
C GLN A 244 12.69 -1.35 3.35
N SER A 245 12.37 -1.92 4.51
CA SER A 245 11.40 -1.34 5.42
C SER A 245 12.08 -0.68 6.57
N ASN A 246 11.43 0.38 7.07
CA ASN A 246 11.80 0.98 8.35
C ASN A 246 11.08 0.29 9.53
N VAL A 247 9.88 -0.15 9.31
CA VAL A 247 9.09 -0.80 10.33
C VAL A 247 8.37 -1.97 9.67
N VAL A 248 8.37 -3.09 10.36
CA VAL A 248 7.61 -4.27 9.94
C VAL A 248 6.53 -4.70 10.94
N LEU A 249 5.37 -5.05 10.38
CA LEU A 249 4.22 -5.53 11.14
C LEU A 249 3.72 -6.83 10.57
N SER A 250 2.95 -7.54 11.37
CA SER A 250 2.28 -8.75 10.89
C SER A 250 0.91 -8.99 11.43
N THR A 251 0.07 -9.45 10.53
CA THR A 251 -1.29 -9.88 10.87
C THR A 251 -1.37 -11.38 11.06
N LEU A 252 -0.26 -12.05 11.30
CA LEU A 252 -0.28 -13.50 11.46
C LEU A 252 -1.12 -13.93 12.65
N TRP A 253 -1.04 -13.19 13.74
CA TRP A 253 -1.68 -13.61 15.00
C TRP A 253 -3.11 -13.07 15.14
N GLU A 254 -3.76 -13.30 16.26
CA GLU A 254 -5.16 -12.89 16.41
C GLU A 254 -5.22 -11.36 16.46
N SER A 255 -6.40 -10.79 16.23
CA SER A 255 -6.59 -9.35 16.09
C SER A 255 -6.03 -8.46 17.23
N HIS A 256 -6.05 -8.95 18.47
CA HIS A 256 -5.57 -8.18 19.64
CA HIS A 256 -5.58 -8.17 19.62
C HIS A 256 -4.07 -8.04 19.63
N VAL A 257 -3.38 -9.04 19.05
CA VAL A 257 -1.91 -9.02 18.91
C VAL A 257 -1.51 -7.99 17.81
N THR A 258 -2.28 -7.93 16.73
CA THR A 258 -2.05 -6.92 15.69
C THR A 258 -2.21 -5.53 16.28
N GLN A 259 -3.28 -5.35 17.05
CA GLN A 259 -3.51 -4.07 17.68
C GLN A 259 -2.35 -3.67 18.56
N SER A 260 -1.89 -4.60 19.41
CA SER A 260 -0.76 -4.33 20.27
C SER A 260 0.48 -3.91 19.46
N GLN A 261 0.75 -4.60 18.36
CA GLN A 261 1.93 -4.24 17.55
C GLN A 261 1.82 -2.85 17.01
N VAL A 262 0.64 -2.57 16.47
CA VAL A 262 0.38 -1.26 15.85
C VAL A 262 0.47 -0.15 16.88
N GLU A 263 -0.10 -0.37 18.07
CA GLU A 263 0.01 0.61 19.13
C GLU A 263 1.45 0.83 19.56
N LYS A 264 2.20 -0.26 19.71
CA LYS A 264 3.62 -0.12 20.05
C LYS A 264 4.38 0.66 18.98
N ALA A 265 4.20 0.26 17.71
CA ALA A 265 4.78 1.01 16.56
C ALA A 265 4.39 2.49 16.58
N TRP A 266 3.11 2.74 16.83
CA TRP A 266 2.59 4.13 16.84
C TRP A 266 3.27 4.95 17.95
N ASN A 267 3.34 4.36 19.14
CA ASN A 267 4.01 5.02 20.27
C ASN A 267 5.48 5.32 20.03
N LEU A 268 6.20 4.40 19.42
CA LEU A 268 7.62 4.64 19.14
C LEU A 268 7.79 5.74 18.07
N LEU A 269 6.92 5.69 17.07
CA LEU A 269 6.87 6.70 16.01
C LEU A 269 6.72 8.07 16.62
N GLN A 270 5.71 8.22 17.48
CA GLN A 270 5.41 9.52 18.11
C GLN A 270 6.63 10.12 18.79
N LYS A 271 7.41 9.29 19.47
CA LYS A 271 8.61 9.75 20.16
C LYS A 271 9.75 10.13 19.22
N ARG A 272 9.72 9.70 17.95
CA ARG A 272 10.79 10.05 17.03
C ARG A 272 10.37 11.05 15.95
N LEU A 273 9.12 11.53 16.02
CA LEU A 273 8.67 12.56 15.11
C LEU A 273 9.42 13.86 15.37
N PRO A 274 9.75 14.63 14.30
CA PRO A 274 10.33 15.95 14.54
C PRO A 274 9.26 16.96 14.95
N1A ACO B . 0.11 -5.41 -9.63
C2A ACO B . -0.27 -6.37 -8.76
N3A ACO B . -1.39 -6.27 -8.01
C4A ACO B . -2.20 -5.20 -8.09
C5A ACO B . -1.86 -4.12 -9.01
C6A ACO B . -0.62 -4.28 -9.78
N6A ACO B . -0.25 -3.32 -10.64
N7A ACO B . -2.83 -3.19 -8.93
C8A ACO B . -3.71 -3.62 -8.01
N9A ACO B . -3.32 -4.81 -7.49
C1B ACO B . -4.06 -5.58 -6.46
C2B ACO B . -4.71 -4.63 -5.45
O2B ACO B . -3.82 -4.04 -4.48
C3B ACO B . -5.76 -5.53 -4.86
O3B ACO B . -5.20 -6.34 -3.81
P3B ACO B . -6.07 -6.68 -2.48
O7A ACO B . -5.05 -7.51 -1.72
O8A ACO B . -7.26 -7.45 -2.96
O9A ACO B . -6.34 -5.31 -1.90
C4B ACO B . -6.17 -6.42 -6.01
O4B ACO B . -5.12 -6.37 -6.96
C5B ACO B . -7.46 -5.96 -6.65
O5B ACO B . -7.31 -4.59 -7.01
P1A ACO B . -8.60 -3.68 -7.26
O1A ACO B . -8.12 -2.34 -7.78
O2A ACO B . -9.52 -3.72 -6.08
O3A ACO B . -9.19 -4.62 -8.39
P2A ACO B . -10.26 -4.18 -9.53
O4A ACO B . -10.68 -5.47 -10.12
O5A ACO B . -11.17 -3.16 -9.02
O6A ACO B . -9.36 -3.43 -10.60
CBP ACO B . -7.42 -3.11 -11.95
CCP ACO B . -8.33 -4.10 -11.27
CDP ACO B . -6.33 -3.94 -12.63
CEP ACO B . -8.26 -2.31 -12.95
CAP ACO B . -6.77 -2.16 -10.93
OAP ACO B . -6.18 -2.90 -9.83
C9P ACO B . -5.74 -1.23 -11.52
O9P ACO B . -6.07 -0.27 -12.21
N8P ACO B . -4.51 -1.57 -11.22
C7P ACO B . -3.41 -0.78 -11.77
C6P ACO B . -3.06 0.49 -10.94
C5P ACO B . -2.44 0.04 -9.63
O5P ACO B . -1.36 -0.52 -9.57
N4P ACO B . -3.11 0.27 -8.53
C3P ACO B . -2.62 0.02 -7.17
C2P ACO B . -2.44 1.37 -6.43
S1P ACO B . -1.01 2.27 -7.01
C ACO B . 0.33 1.47 -6.31
O ACO B . 0.20 0.60 -5.48
CH3 ACO B . 1.64 1.99 -6.69
O10 UNL C . -7.57 -10.31 10.47
O2 UNL C . -6.45 -10.10 9.83
O1 UNL C . -5.67 -11.02 10.28
O7 UNL C . -6.63 -10.14 8.69
O9 UNL C . -6.98 -9.15 7.93
O8 UNL C . -6.64 -11.25 8.03
O3 UNL C . -6.02 -8.99 10.30
O4 UNL C . -5.74 -8.78 11.56
O6 UNL C . -5.93 -7.59 11.97
O5 UNL C . -4.90 -9.49 12.25
#